data_4Z8Y
#
_entry.id   4Z8Y
#
_cell.length_a   31.720
_cell.length_b   75.450
_cell.length_c   66.230
_cell.angle_alpha   90.00
_cell.angle_beta   91.58
_cell.angle_gamma   90.00
#
_symmetry.space_group_name_H-M   'P 1 21 1'
#
loop_
_entity.id
_entity.type
_entity.pdbx_description
1 polymer 'Ras-related protein SEC4'
2 non-polymer "GUANOSINE-5'-DIPHOSPHATE"
3 non-polymer 'MAGNESIUM ION'
4 non-polymer 'ZINC ION'
5 water water
#
_entity_poly.entity_id   1
_entity_poly.type   'polypeptide(L)'
_entity_poly.pdbx_seq_one_letter_code
;SSIMKILLIGDVGVGKSCLLVRFVEDKFNPSFITTIGIDFKIKTVDINGKKVKLQLWDTAGQERFRTITTAYYRGAMGII
LVYDVTDERTFTNIKQWFKTVNEHANDEAQLLLVGNKSDMETRVVTADQGEALAKELGIPFIESSAKNDDNVNEIFFTLA
KLIQEKIDSN
;
_entity_poly.pdbx_strand_id   A,B
#
loop_
_chem_comp.id
_chem_comp.type
_chem_comp.name
_chem_comp.formula
GDP RNA linking GUANOSINE-5'-DIPHOSPHATE 'C10 H15 N5 O11 P2'
MG non-polymer 'MAGNESIUM ION' 'Mg 2'
ZN non-polymer 'ZINC ION' 'Zn 2'
#
# COMPACT_ATOMS: atom_id res chain seq x y z
N SER A 2 -13.39 26.27 7.70
CA SER A 2 -12.56 25.05 7.89
C SER A 2 -12.02 24.64 6.52
N ILE A 3 -10.99 23.79 6.50
CA ILE A 3 -10.44 23.34 5.22
C ILE A 3 -10.54 21.82 5.08
N MET A 4 -11.06 21.36 3.95
CA MET A 4 -11.11 19.93 3.67
C MET A 4 -10.22 19.64 2.48
N LYS A 5 -9.12 18.93 2.70
CA LYS A 5 -8.27 18.56 1.60
C LYS A 5 -8.81 17.30 0.91
N ILE A 6 -9.11 17.44 -0.38
CA ILE A 6 -9.69 16.39 -1.18
C ILE A 6 -8.80 16.09 -2.37
N LEU A 7 -8.53 14.80 -2.59
CA LEU A 7 -7.69 14.29 -3.66
C LEU A 7 -8.46 13.49 -4.71
N LEU A 8 -8.08 13.63 -5.98
CA LEU A 8 -8.57 12.77 -7.07
C LEU A 8 -7.45 11.80 -7.49
N ILE A 9 -7.78 10.51 -7.49
CA ILE A 9 -6.83 9.42 -7.72
C ILE A 9 -7.38 8.43 -8.74
N GLY A 10 -6.52 7.97 -9.67
CA GLY A 10 -6.85 6.92 -10.64
C GLY A 10 -6.07 7.03 -11.93
N ASP A 11 -6.29 6.11 -12.87
CA ASP A 11 -5.43 6.03 -14.07
C ASP A 11 -5.43 7.35 -14.84
N VAL A 12 -4.30 7.67 -15.48
CA VAL A 12 -4.26 8.73 -16.49
C VAL A 12 -5.40 8.55 -17.51
N GLY A 13 -6.02 9.67 -17.88
CA GLY A 13 -7.04 9.73 -18.93
C GLY A 13 -8.48 9.47 -18.52
N VAL A 14 -8.71 9.22 -17.23
CA VAL A 14 -10.09 8.85 -16.82
C VAL A 14 -11.03 10.05 -16.63
N GLY A 15 -10.45 11.23 -16.48
CA GLY A 15 -11.23 12.49 -16.41
C GLY A 15 -11.08 13.23 -15.09
N LYS A 16 -10.01 12.96 -14.35
CA LYS A 16 -9.82 13.60 -13.04
C LYS A 16 -9.79 15.14 -13.15
N SER A 17 -8.90 15.65 -13.99
CA SER A 17 -8.80 17.08 -14.25
C SER A 17 -10.11 17.70 -14.74
N CYS A 18 -10.81 17.04 -15.68
CA CYS A 18 -12.10 17.53 -16.23
C CYS A 18 -13.20 17.57 -15.18
N LEU A 19 -13.25 16.56 -14.32
CA LEU A 19 -14.13 16.60 -13.14
C LEU A 19 -13.82 17.79 -12.23
N LEU A 20 -12.53 18.07 -12.03
CA LEU A 20 -12.14 19.23 -11.25
C LEU A 20 -12.54 20.58 -11.91
N VAL A 21 -12.26 20.74 -13.19
CA VAL A 21 -12.71 21.91 -13.96
C VAL A 21 -14.24 22.10 -14.01
N ARG A 22 -14.99 21.02 -14.20
CA ARG A 22 -16.44 21.08 -14.11
C ARG A 22 -16.97 21.52 -12.74
N PHE A 23 -16.40 20.96 -11.67
CA PHE A 23 -16.81 21.33 -10.33
C PHE A 23 -16.54 22.80 -10.07
N VAL A 24 -15.30 23.24 -10.31
CA VAL A 24 -14.88 24.64 -10.01
C VAL A 24 -15.42 25.68 -11.01
N GLU A 25 -15.44 25.34 -12.30
CA GLU A 25 -15.68 26.35 -13.35
C GLU A 25 -17.04 26.24 -14.00
N ASP A 26 -17.62 25.05 -13.88
CA ASP A 26 -18.87 24.65 -14.53
C ASP A 26 -18.79 24.72 -16.05
N LYS A 27 -17.80 24.04 -16.59
CA LYS A 27 -17.61 23.92 -18.03
C LYS A 27 -16.81 22.65 -18.33
N PHE A 28 -17.01 22.10 -19.51
CA PHE A 28 -16.15 21.02 -20.01
C PHE A 28 -15.34 21.56 -21.18
N ASN A 29 -14.02 21.43 -21.06
CA ASN A 29 -13.09 21.87 -22.09
C ASN A 29 -12.37 20.70 -22.81
N PRO A 30 -11.35 20.08 -22.16
CA PRO A 30 -10.42 19.18 -22.88
C PRO A 30 -11.07 18.17 -23.81
N GLY A 37 1.90 25.03 -12.45
CA GLY A 37 2.75 24.58 -11.34
C GLY A 37 2.20 24.69 -9.92
N ILE A 38 0.96 25.16 -9.75
CA ILE A 38 0.30 25.12 -8.42
C ILE A 38 -0.66 23.92 -8.36
N ASP A 39 -0.61 23.18 -7.26
CA ASP A 39 -1.16 21.82 -7.21
C ASP A 39 -2.64 21.64 -6.83
N PHE A 40 -3.30 22.74 -6.47
CA PHE A 40 -4.65 22.66 -5.89
C PHE A 40 -5.49 23.88 -6.26
N LYS A 41 -6.80 23.71 -6.18
CA LYS A 41 -7.75 24.82 -6.33
C LYS A 41 -8.64 24.88 -5.08
N ILE A 42 -8.97 26.09 -4.66
CA ILE A 42 -9.79 26.30 -3.46
C ILE A 42 -11.21 26.68 -3.90
N LYS A 43 -12.20 25.89 -3.49
CA LYS A 43 -13.62 26.22 -3.75
C LYS A 43 -14.43 26.13 -2.47
N THR A 44 -15.17 27.19 -2.14
CA THR A 44 -15.91 27.23 -0.87
C THR A 44 -17.34 26.80 -1.11
N VAL A 45 -17.86 25.99 -0.20
CA VAL A 45 -19.11 25.32 -0.41
C VAL A 45 -19.90 25.41 0.92
N ASP A 46 -21.21 25.53 0.87
CA ASP A 46 -21.98 25.48 2.13
C ASP A 46 -22.38 24.05 2.51
N ILE A 47 -21.95 23.59 3.69
CA ILE A 47 -22.40 22.32 4.27
C ILE A 47 -23.11 22.64 5.58
N ASN A 48 -24.39 22.28 5.68
CA ASN A 48 -25.20 22.55 6.90
C ASN A 48 -25.26 24.03 7.24
N GLY A 49 -25.30 24.87 6.21
CA GLY A 49 -25.39 26.31 6.41
C GLY A 49 -24.06 26.98 6.67
N LYS A 50 -22.99 26.20 6.76
CA LYS A 50 -21.66 26.72 7.12
C LYS A 50 -20.70 26.58 5.96
N LYS A 51 -19.96 27.65 5.67
CA LYS A 51 -18.95 27.66 4.61
C LYS A 51 -17.85 26.65 4.91
N VAL A 52 -17.65 25.73 3.99
CA VAL A 52 -16.50 24.84 4.02
C VAL A 52 -15.65 25.14 2.80
N LYS A 53 -14.36 25.29 3.00
CA LYS A 53 -13.51 25.53 1.84
C LYS A 53 -12.80 24.23 1.46
N LEU A 54 -13.08 23.77 0.27
CA LEU A 54 -12.48 22.55 -0.19
C LEU A 54 -11.19 22.92 -0.87
N GLN A 55 -10.18 22.13 -0.57
CA GLN A 55 -8.88 22.30 -1.13
C GLN A 55 -8.66 21.05 -1.98
N LEU A 56 -8.80 21.25 -3.28
CA LEU A 56 -8.95 20.17 -4.25
C LEU A 56 -7.70 19.94 -5.05
N TRP A 57 -7.13 18.75 -4.86
CA TRP A 57 -5.86 18.39 -5.46
C TRP A 57 -5.98 17.57 -6.69
N ASP A 58 -5.40 18.08 -7.76
CA ASP A 58 -5.22 17.32 -9.00
C ASP A 58 -3.78 17.49 -9.54
N THR A 59 -3.08 16.39 -9.76
CA THR A 59 -1.77 16.48 -10.42
C THR A 59 -1.70 15.75 -11.77
N ALA A 60 -0.86 16.28 -12.65
CA ALA A 60 -0.64 15.70 -13.98
C ALA A 60 -0.22 14.23 -13.92
N GLY A 61 -0.40 13.53 -15.04
CA GLY A 61 0.18 12.19 -15.21
C GLY A 61 1.70 12.30 -15.14
N GLN A 62 2.23 13.36 -15.74
CA GLN A 62 3.63 13.81 -15.56
C GLN A 62 4.13 13.64 -14.12
N GLU A 63 3.33 14.13 -13.18
CA GLU A 63 3.62 14.12 -11.74
C GLU A 63 3.07 12.86 -11.05
N ARG A 64 2.68 11.87 -11.85
CA ARG A 64 1.92 10.70 -11.37
C ARG A 64 2.57 9.93 -10.20
N PHE A 65 3.85 10.19 -9.95
CA PHE A 65 4.71 9.38 -9.05
C PHE A 65 4.51 9.62 -7.54
N ARG A 66 3.95 10.77 -7.20
CA ARG A 66 3.71 11.16 -5.82
C ARG A 66 2.68 10.24 -5.13
N THR A 67 1.60 9.90 -5.85
CA THR A 67 0.48 9.11 -5.29
C THR A 67 0.93 7.85 -4.53
N ILE A 68 2.14 7.38 -4.79
CA ILE A 68 2.63 6.22 -4.08
C ILE A 68 3.28 6.61 -2.74
N THR A 69 3.36 7.90 -2.42
CA THR A 69 4.06 8.34 -1.20
C THR A 69 3.06 8.77 -0.14
N THR A 70 3.42 8.64 1.13
CA THR A 70 2.56 9.14 2.20
C THR A 70 2.55 10.69 2.27
N ALA A 71 3.60 11.33 1.75
CA ALA A 71 3.64 12.79 1.72
C ALA A 71 2.45 13.36 0.95
N TYR A 72 2.08 12.72 -0.15
CA TYR A 72 1.00 13.18 -1.01
C TYR A 72 -0.35 13.30 -0.31
N TYR A 73 -0.56 12.43 0.68
CA TYR A 73 -1.86 12.30 1.36
C TYR A 73 -1.87 13.03 2.71
N ARG A 74 -0.78 13.72 3.03
CA ARG A 74 -0.66 14.53 4.24
C ARG A 74 -1.88 15.44 4.40
N GLY A 75 -2.65 15.25 5.48
CA GLY A 75 -3.82 16.06 5.79
C GLY A 75 -5.07 15.80 4.94
N ALA A 76 -5.00 14.91 3.96
CA ALA A 76 -6.12 14.65 3.06
C ALA A 76 -7.26 13.99 3.82
N MET A 77 -8.48 14.47 3.64
CA MET A 77 -9.60 13.82 4.32
C MET A 77 -10.62 13.16 3.40
N GLY A 78 -10.63 13.58 2.15
CA GLY A 78 -11.39 12.90 1.10
C GLY A 78 -10.48 12.44 -0.03
N ILE A 79 -10.66 11.19 -0.46
CA ILE A 79 -9.99 10.68 -1.65
C ILE A 79 -10.99 10.04 -2.59
N ILE A 80 -11.05 10.55 -3.82
CA ILE A 80 -11.99 10.06 -4.84
C ILE A 80 -11.18 9.16 -5.78
N LEU A 81 -11.64 7.94 -5.92
CA LEU A 81 -11.04 6.99 -6.85
C LEU A 81 -11.91 7.03 -8.10
N VAL A 82 -11.27 7.33 -9.23
CA VAL A 82 -11.97 7.52 -10.51
C VAL A 82 -11.48 6.50 -11.53
N TYR A 83 -12.41 5.85 -12.22
CA TYR A 83 -12.15 5.06 -13.46
C TYR A 83 -13.05 5.60 -14.57
N ASP A 84 -12.83 5.08 -15.76
CA ASP A 84 -13.49 5.47 -16.99
C ASP A 84 -14.41 4.29 -17.36
N VAL A 85 -15.72 4.53 -17.50
CA VAL A 85 -16.71 3.46 -17.76
C VAL A 85 -16.58 2.80 -19.13
N THR A 86 -15.69 3.39 -19.91
CA THR A 86 -15.44 3.08 -21.29
C THR A 86 -14.17 2.20 -21.40
N ASP A 87 -13.42 2.14 -20.32
CA ASP A 87 -12.11 1.50 -20.27
C ASP A 87 -12.05 0.50 -19.11
N GLU A 88 -12.20 -0.78 -19.45
CA GLU A 88 -12.25 -1.85 -18.44
C GLU A 88 -11.00 -1.89 -17.55
N ARG A 89 -9.85 -1.67 -18.17
CA ARG A 89 -8.59 -1.66 -17.42
C ARG A 89 -8.53 -0.61 -16.31
N THR A 90 -9.08 0.58 -16.53
CA THR A 90 -9.03 1.63 -15.51
C THR A 90 -9.88 1.22 -14.31
N PHE A 91 -10.92 0.41 -14.56
CA PHE A 91 -11.82 -0.13 -13.53
C PHE A 91 -11.15 -1.25 -12.73
N THR A 92 -10.59 -2.22 -13.47
CA THR A 92 -9.70 -3.29 -12.94
C THR A 92 -8.67 -2.76 -11.99
N ASN A 93 -8.07 -1.64 -12.35
CA ASN A 93 -6.96 -1.04 -11.62
C ASN A 93 -7.40 -0.37 -10.30
N ILE A 94 -8.72 -0.26 -10.09
CA ILE A 94 -9.23 0.42 -8.90
C ILE A 94 -8.85 -0.27 -7.58
N LYS A 95 -8.85 -1.60 -7.55
CA LYS A 95 -8.45 -2.35 -6.36
C LYS A 95 -7.00 -2.01 -5.94
N GLN A 96 -6.12 -1.89 -6.92
CA GLN A 96 -4.76 -1.47 -6.60
C GLN A 96 -4.71 -0.03 -6.09
N TRP A 97 -5.40 0.92 -6.74
CA TRP A 97 -5.49 2.27 -6.17
C TRP A 97 -5.99 2.28 -4.74
N PHE A 98 -7.03 1.49 -4.45
CA PHE A 98 -7.59 1.40 -3.08
C PHE A 98 -6.51 0.96 -2.12
N LYS A 99 -5.81 -0.10 -2.49
CA LYS A 99 -4.80 -0.65 -1.59
C LYS A 99 -3.69 0.39 -1.30
N THR A 100 -3.08 0.94 -2.35
CA THR A 100 -2.06 1.99 -2.24
C THR A 100 -2.51 3.21 -1.42
N VAL A 101 -3.75 3.65 -1.63
CA VAL A 101 -4.31 4.73 -0.79
C VAL A 101 -4.38 4.31 0.68
N ASN A 102 -4.87 3.10 0.96
CA ASN A 102 -5.01 2.69 2.34
C ASN A 102 -3.65 2.53 3.05
N GLU A 103 -2.64 2.18 2.26
CA GLU A 103 -1.26 2.05 2.78
C GLU A 103 -0.63 3.36 3.17
N HIS A 104 -1.12 4.44 2.56
CA HIS A 104 -0.40 5.72 2.62
C HIS A 104 -1.18 6.85 3.22
N ALA A 105 -2.51 6.77 3.22
CA ALA A 105 -3.34 7.86 3.74
C ALA A 105 -3.74 7.66 5.18
N ASN A 106 -4.18 8.75 5.82
CA ASN A 106 -4.82 8.72 7.13
C ASN A 106 -5.98 7.73 7.11
N ASP A 107 -6.08 6.90 8.15
CA ASP A 107 -7.16 5.90 8.22
C ASP A 107 -8.56 6.51 8.47
N GLU A 108 -8.65 7.75 8.90
CA GLU A 108 -10.00 8.36 8.99
C GLU A 108 -10.41 9.02 7.67
N ALA A 109 -9.49 9.05 6.71
CA ALA A 109 -9.84 9.51 5.36
C ALA A 109 -11.05 8.76 4.80
N GLN A 110 -12.01 9.54 4.28
CA GLN A 110 -13.19 9.02 3.58
C GLN A 110 -12.90 8.87 2.06
N LEU A 111 -13.22 7.71 1.49
CA LEU A 111 -12.98 7.44 0.08
C LEU A 111 -14.30 7.33 -0.67
N LEU A 112 -14.26 7.57 -1.98
CA LEU A 112 -15.44 7.54 -2.82
C LEU A 112 -15.11 7.01 -4.21
N LEU A 113 -15.88 6.03 -4.72
CA LEU A 113 -15.65 5.53 -6.11
C LEU A 113 -16.49 6.26 -7.14
N VAL A 114 -15.86 6.66 -8.25
CA VAL A 114 -16.50 7.46 -9.26
C VAL A 114 -16.25 6.79 -10.61
N GLY A 115 -17.34 6.51 -11.33
CA GLY A 115 -17.23 5.95 -12.69
C GLY A 115 -17.52 7.06 -13.65
N ASN A 116 -16.51 7.54 -14.36
CA ASN A 116 -16.68 8.77 -15.14
C ASN A 116 -16.93 8.49 -16.60
N LYS A 117 -17.41 9.51 -17.31
CA LYS A 117 -17.74 9.42 -18.74
C LYS A 117 -19.01 8.64 -18.99
N SER A 118 -19.98 8.74 -18.08
CA SER A 118 -21.26 7.99 -18.19
C SER A 118 -22.01 8.39 -19.46
N ASP A 119 -21.57 9.47 -20.08
CA ASP A 119 -22.17 9.98 -21.35
C ASP A 119 -21.87 9.13 -22.58
N MET A 120 -20.86 8.27 -22.49
CA MET A 120 -20.36 7.58 -23.68
C MET A 120 -21.08 6.26 -23.95
N GLU A 121 -21.69 6.11 -25.14
CA GLU A 121 -22.36 4.86 -25.55
C GLU A 121 -21.42 3.69 -25.74
N THR A 122 -20.12 3.95 -25.70
CA THR A 122 -19.09 2.92 -25.70
C THR A 122 -18.79 2.38 -24.29
N ARG A 123 -19.62 2.73 -23.33
CA ARG A 123 -19.48 2.17 -21.97
C ARG A 123 -19.30 0.64 -22.00
N VAL A 124 -18.36 0.14 -21.19
CA VAL A 124 -18.13 -1.30 -21.03
C VAL A 124 -18.30 -1.76 -19.59
N VAL A 125 -18.19 -0.84 -18.64
CA VAL A 125 -18.45 -1.16 -17.24
C VAL A 125 -19.85 -0.69 -16.85
N THR A 126 -20.68 -1.62 -16.38
CA THR A 126 -22.05 -1.28 -16.00
C THR A 126 -22.09 -0.61 -14.64
N ALA A 127 -23.21 0.02 -14.35
CA ALA A 127 -23.43 0.64 -13.06
C ALA A 127 -23.49 -0.41 -11.96
N ASP A 128 -24.03 -1.61 -12.27
CA ASP A 128 -24.09 -2.70 -11.26
C ASP A 128 -22.67 -3.16 -10.95
N GLN A 129 -21.82 -3.26 -11.98
CA GLN A 129 -20.43 -3.57 -11.77
C GLN A 129 -19.75 -2.58 -10.84
N GLY A 130 -19.98 -1.28 -11.06
CA GLY A 130 -19.34 -0.26 -10.20
C GLY A 130 -19.88 -0.27 -8.78
N GLU A 131 -21.21 -0.39 -8.66
CA GLU A 131 -21.90 -0.63 -7.38
C GLU A 131 -21.31 -1.82 -6.62
N ALA A 132 -21.04 -2.91 -7.34
CA ALA A 132 -20.53 -4.15 -6.71
C ALA A 132 -19.12 -3.93 -6.15
N LEU A 133 -18.28 -3.24 -6.93
CA LEU A 133 -16.90 -3.01 -6.51
C LEU A 133 -16.91 -2.11 -5.29
N ALA A 134 -17.81 -1.14 -5.29
CA ALA A 134 -17.86 -0.13 -4.25
C ALA A 134 -18.17 -0.82 -2.92
N LYS A 135 -19.10 -1.78 -2.94
CA LYS A 135 -19.43 -2.56 -1.73
C LYS A 135 -18.28 -3.44 -1.28
N GLU A 136 -17.54 -3.98 -2.25
CA GLU A 136 -16.37 -4.78 -1.98
C GLU A 136 -15.31 -3.96 -1.27
N LEU A 137 -15.24 -2.67 -1.57
CA LEU A 137 -14.24 -1.80 -0.94
C LEU A 137 -14.81 -1.07 0.30
N GLY A 138 -16.11 -1.19 0.49
CA GLY A 138 -16.80 -0.60 1.60
C GLY A 138 -16.99 0.89 1.43
N ILE A 139 -17.07 1.37 0.19
CA ILE A 139 -17.23 2.81 -0.06
C ILE A 139 -18.46 3.22 -0.88
N PRO A 140 -18.84 4.50 -0.81
CA PRO A 140 -19.90 5.03 -1.67
C PRO A 140 -19.49 5.02 -3.17
N PHE A 141 -20.46 5.15 -4.05
CA PHE A 141 -20.23 5.01 -5.49
C PHE A 141 -21.10 5.99 -6.23
N ILE A 142 -20.51 6.71 -7.18
CA ILE A 142 -21.30 7.65 -7.98
C ILE A 142 -20.86 7.52 -9.43
N GLU A 143 -21.79 7.51 -10.36
CA GLU A 143 -21.41 7.67 -11.78
C GLU A 143 -21.52 9.13 -12.24
N SER A 144 -20.56 9.58 -13.04
CA SER A 144 -20.52 10.98 -13.42
C SER A 144 -20.23 11.18 -14.89
N SER A 145 -20.62 12.34 -15.40
CA SER A 145 -20.05 12.82 -16.64
C SER A 145 -19.61 14.26 -16.48
N ALA A 146 -18.30 14.48 -16.49
CA ALA A 146 -17.71 15.82 -16.63
C ALA A 146 -18.14 16.55 -17.91
N LYS A 147 -18.27 15.81 -19.02
CA LYS A 147 -18.69 16.39 -20.32
C LYS A 147 -20.16 16.86 -20.31
N ASN A 148 -21.09 15.99 -19.92
CA ASN A 148 -22.54 16.28 -19.92
C ASN A 148 -23.05 17.07 -18.68
N ASP A 149 -22.14 17.39 -17.76
CA ASP A 149 -22.51 17.94 -16.47
C ASP A 149 -23.50 17.02 -15.72
N ASP A 150 -23.09 15.80 -15.40
CA ASP A 150 -23.94 14.83 -14.70
C ASP A 150 -23.26 14.36 -13.45
N ASN A 151 -23.92 14.59 -12.33
CA ASN A 151 -23.49 14.14 -11.01
C ASN A 151 -22.16 14.65 -10.47
N VAL A 152 -21.55 15.64 -11.12
CA VAL A 152 -20.21 16.19 -10.68
C VAL A 152 -20.23 16.91 -9.30
N ASN A 153 -21.21 17.80 -9.09
CA ASN A 153 -21.30 18.51 -7.83
C ASN A 153 -21.60 17.52 -6.71
N GLU A 154 -22.41 16.51 -7.03
CA GLU A 154 -22.82 15.50 -6.06
C GLU A 154 -21.58 14.77 -5.52
N ILE A 155 -20.59 14.53 -6.39
CA ILE A 155 -19.36 13.83 -5.99
C ILE A 155 -18.78 14.54 -4.78
N PHE A 156 -18.58 15.86 -4.89
CA PHE A 156 -17.87 16.63 -3.88
C PHE A 156 -18.75 16.96 -2.67
N PHE A 157 -20.01 17.30 -2.90
CA PHE A 157 -20.92 17.47 -1.78
C PHE A 157 -21.12 16.17 -0.96
N THR A 158 -21.23 15.03 -1.65
CA THR A 158 -21.44 13.73 -0.97
C THR A 158 -20.27 13.45 -0.06
N LEU A 159 -19.07 13.67 -0.59
CA LEU A 159 -17.82 13.42 0.11
C LEU A 159 -17.64 14.42 1.25
N ALA A 160 -17.88 15.71 0.97
CA ALA A 160 -17.81 16.72 2.02
C ALA A 160 -18.75 16.46 3.20
N LYS A 161 -19.96 15.98 2.91
CA LYS A 161 -20.89 15.66 3.98
C LYS A 161 -20.41 14.45 4.80
N LEU A 162 -19.84 13.47 4.14
CA LEU A 162 -19.30 12.34 4.87
C LEU A 162 -18.13 12.73 5.77
N ILE A 163 -17.22 13.55 5.24
CA ILE A 163 -16.10 14.08 6.03
C ILE A 163 -16.57 14.89 7.27
N GLN A 164 -17.61 15.69 7.12
CA GLN A 164 -18.05 16.55 8.23
C GLN A 164 -18.81 15.76 9.28
N GLU A 165 -19.40 14.65 8.89
CA GLU A 165 -20.03 13.78 9.85
C GLU A 165 -18.94 13.05 10.67
N LYS A 166 -17.83 12.64 10.02
CA LYS A 166 -16.62 12.21 10.76
C LYS A 166 -16.24 13.23 11.83
N ILE A 167 -15.89 14.45 11.40
CA ILE A 167 -15.51 15.54 12.30
C ILE A 167 -16.47 15.73 13.47
N SER B 2 9.39 -0.70 24.68
CA SER B 2 8.50 -1.16 23.56
C SER B 2 9.26 -1.32 22.23
N ILE B 3 10.35 -2.07 22.33
CA ILE B 3 11.25 -2.38 21.21
C ILE B 3 11.07 -3.81 20.79
N MET B 4 11.00 -4.03 19.48
CA MET B 4 10.96 -5.38 18.96
C MET B 4 12.12 -5.49 18.03
N LYS B 5 13.05 -6.36 18.39
CA LYS B 5 14.19 -6.70 17.57
C LYS B 5 13.76 -7.75 16.55
N ILE B 6 13.93 -7.40 15.26
CA ILE B 6 13.55 -8.24 14.14
C ILE B 6 14.70 -8.39 13.15
N LEU B 7 14.85 -9.62 12.66
CA LEU B 7 15.89 -10.06 11.77
C LEU B 7 15.35 -10.42 10.41
N LEU B 8 16.06 -10.03 9.35
CA LEU B 8 15.70 -10.48 8.01
C LEU B 8 16.78 -11.44 7.57
N ILE B 9 16.37 -12.60 7.07
CA ILE B 9 17.27 -13.74 6.85
C ILE B 9 16.85 -14.40 5.54
N GLY B 10 17.83 -14.76 4.71
CA GLY B 10 17.55 -15.30 3.39
C GLY B 10 18.77 -15.30 2.48
N ASP B 11 18.69 -16.01 1.37
CA ASP B 11 19.81 -16.08 0.46
C ASP B 11 20.17 -14.70 0.01
N VAL B 12 21.45 -14.51 -0.30
CA VAL B 12 21.84 -13.26 -0.94
C VAL B 12 21.03 -13.05 -2.21
N GLY B 13 20.51 -11.86 -2.40
CA GLY B 13 19.87 -11.52 -3.65
C GLY B 13 18.33 -11.52 -3.62
N VAL B 14 17.76 -11.99 -2.51
CA VAL B 14 16.30 -12.14 -2.44
C VAL B 14 15.53 -10.82 -2.25
N GLY B 15 16.21 -9.78 -1.76
CA GLY B 15 15.57 -8.50 -1.56
C GLY B 15 15.44 -8.08 -0.09
N LYS B 16 16.32 -8.57 0.79
CA LYS B 16 16.22 -8.20 2.22
C LYS B 16 16.46 -6.69 2.43
N SER B 17 17.53 -6.20 1.84
CA SER B 17 17.90 -4.82 1.98
C SER B 17 16.84 -3.94 1.35
N CYS B 18 16.27 -4.39 0.23
CA CYS B 18 15.29 -3.60 -0.48
C CYS B 18 13.96 -3.52 0.28
N LEU B 19 13.53 -4.63 0.84
CA LEU B 19 12.36 -4.63 1.71
C LEU B 19 12.55 -3.70 2.88
N LEU B 20 13.74 -3.74 3.48
CA LEU B 20 14.00 -2.91 4.64
C LEU B 20 13.97 -1.41 4.27
N VAL B 21 14.66 -1.02 3.19
CA VAL B 21 14.59 0.36 2.69
C VAL B 21 13.18 0.82 2.26
N ARG B 22 12.39 -0.08 1.66
CA ARG B 22 11.02 0.24 1.23
C ARG B 22 10.13 0.49 2.45
N PHE B 23 10.28 -0.34 3.48
CA PHE B 23 9.45 -0.18 4.66
C PHE B 23 9.85 1.11 5.39
N VAL B 24 11.16 1.29 5.55
CA VAL B 24 11.66 2.37 6.39
C VAL B 24 11.70 3.71 5.68
N GLU B 25 12.23 3.75 4.46
CA GLU B 25 12.37 5.02 3.70
C GLU B 25 11.29 5.23 2.62
N ASP B 26 10.52 4.18 2.32
CA ASP B 26 9.52 4.21 1.23
C ASP B 26 10.14 4.62 -0.12
N LYS B 27 11.25 3.96 -0.45
CA LYS B 27 11.88 4.18 -1.73
C LYS B 27 12.47 2.86 -2.25
N PHE B 28 12.91 2.87 -3.50
CA PHE B 28 13.57 1.72 -4.12
C PHE B 28 14.68 2.24 -5.03
N ASN B 29 15.84 1.62 -4.91
CA ASN B 29 17.04 1.98 -5.63
C ASN B 29 17.90 0.74 -5.68
N PRO B 30 18.14 0.19 -6.89
CA PRO B 30 18.95 -1.03 -6.95
C PRO B 30 20.47 -0.74 -6.83
N SER B 31 20.89 0.47 -6.49
CA SER B 31 22.36 0.72 -6.38
C SER B 31 22.96 0.15 -5.10
N PHE B 32 24.13 -0.48 -5.20
CA PHE B 32 24.86 -0.96 -4.01
C PHE B 32 24.97 0.08 -2.88
N ILE B 33 25.19 1.37 -3.19
CA ILE B 33 25.44 2.35 -2.11
C ILE B 33 24.22 2.52 -1.14
N THR B 34 23.01 2.38 -1.68
CA THR B 34 21.77 2.40 -0.91
C THR B 34 21.76 1.33 0.22
N THR B 35 22.34 0.16 -0.07
CA THR B 35 22.05 -1.06 0.73
C THR B 35 23.25 -1.65 1.47
N ILE B 36 24.45 -1.43 0.96
CA ILE B 36 25.67 -2.04 1.50
C ILE B 36 26.05 -1.62 2.95
N GLY B 37 25.67 -0.42 3.36
CA GLY B 37 26.03 0.07 4.67
C GLY B 37 24.92 -0.03 5.71
N ILE B 38 23.88 -0.82 5.45
CA ILE B 38 22.78 -0.97 6.42
C ILE B 38 23.06 -2.07 7.42
N ASP B 39 23.07 -1.73 8.71
CA ASP B 39 23.09 -2.75 9.78
C ASP B 39 21.68 -2.97 10.30
N PHE B 40 21.09 -1.90 10.84
CA PHE B 40 19.70 -1.94 11.26
C PHE B 40 19.01 -0.61 10.94
N LYS B 41 17.69 -0.63 10.97
CA LYS B 41 16.90 0.59 10.80
C LYS B 41 15.71 0.49 11.75
N ILE B 42 15.24 1.63 12.20
CA ILE B 42 14.16 1.66 13.16
C ILE B 42 12.96 2.32 12.49
N LYS B 43 11.79 1.74 12.72
CA LYS B 43 10.56 2.41 12.36
C LYS B 43 9.49 2.06 13.39
N THR B 44 8.66 3.04 13.74
CA THR B 44 7.55 2.85 14.67
C THR B 44 6.24 2.48 13.97
N VAL B 45 5.61 1.45 14.51
CA VAL B 45 4.38 0.89 14.02
C VAL B 45 3.27 1.07 15.11
N ASP B 46 2.01 1.21 14.68
CA ASP B 46 0.83 1.25 15.57
C ASP B 46 0.15 -0.10 15.64
N ILE B 47 0.16 -0.70 16.82
CA ILE B 47 -0.30 -2.09 16.99
C ILE B 47 -1.12 -2.14 18.29
N ASN B 48 -2.39 -2.55 18.23
CA ASN B 48 -3.21 -2.68 19.45
C ASN B 48 -3.28 -1.33 20.20
N GLY B 49 -3.33 -0.22 19.46
CA GLY B 49 -3.32 1.10 20.08
C GLY B 49 -2.02 1.52 20.73
N LYS B 50 -0.94 0.80 20.45
CA LYS B 50 0.36 1.03 21.10
C LYS B 50 1.43 1.36 20.05
N LYS B 51 2.39 2.21 20.42
CA LYS B 51 3.51 2.53 19.53
C LYS B 51 4.60 1.49 19.73
N VAL B 52 4.97 0.78 18.67
CA VAL B 52 5.99 -0.21 18.83
C VAL B 52 7.11 0.19 17.90
N LYS B 53 8.30 0.39 18.46
CA LYS B 53 9.55 0.65 17.73
C LYS B 53 10.16 -0.66 17.27
N LEU B 54 10.28 -0.80 15.96
CA LEU B 54 10.79 -1.99 15.34
C LEU B 54 12.24 -1.73 15.02
N GLN B 55 13.12 -2.55 15.59
CA GLN B 55 14.54 -2.55 15.24
C GLN B 55 14.83 -3.67 14.23
N LEU B 56 15.02 -3.29 12.97
CA LEU B 56 15.10 -4.28 11.89
C LEU B 56 16.54 -4.45 11.37
N TRP B 57 17.00 -5.69 11.44
CA TRP B 57 18.38 -6.06 11.16
C TRP B 57 18.55 -6.72 9.82
N ASP B 58 19.30 -6.03 8.96
CA ASP B 58 19.71 -6.54 7.68
C ASP B 58 20.95 -7.45 7.81
N THR B 59 20.70 -8.75 7.71
CA THR B 59 21.57 -9.71 8.27
C THR B 59 22.63 -10.00 7.17
N ALA B 60 23.92 -10.10 7.55
CA ALA B 60 25.05 -10.19 6.59
C ALA B 60 25.96 -11.38 6.86
N GLY B 61 26.52 -11.97 5.79
CA GLY B 61 27.48 -13.11 5.93
C GLY B 61 26.85 -14.41 6.42
N GLN B 62 25.53 -14.43 6.45
CA GLN B 62 24.80 -15.57 6.93
C GLN B 62 24.65 -16.53 5.75
N GLU B 63 24.84 -17.82 6.01
CA GLU B 63 24.59 -18.84 4.98
C GLU B 63 24.08 -20.12 5.58
N ARG B 64 22.77 -20.19 5.78
CA ARG B 64 22.14 -21.40 6.28
C ARG B 64 22.92 -21.97 7.49
N PHE B 65 23.41 -23.20 7.43
CA PHE B 65 24.15 -23.72 8.59
C PHE B 65 25.65 -23.53 8.47
N ARG B 66 26.10 -23.13 7.29
CA ARG B 66 27.52 -22.85 7.00
C ARG B 66 28.13 -21.75 7.91
N THR B 67 27.45 -20.62 8.02
CA THR B 67 27.95 -19.50 8.82
C THR B 67 26.81 -18.80 9.53
N ILE B 68 26.96 -18.63 10.84
CA ILE B 68 25.91 -18.09 11.69
C ILE B 68 26.51 -17.08 12.67
N THR B 69 25.90 -15.92 12.77
CA THR B 69 26.30 -15.05 13.84
C THR B 69 25.23 -14.96 14.90
N THR B 70 25.56 -15.49 16.07
CA THR B 70 24.60 -15.75 17.13
C THR B 70 24.22 -14.44 17.78
N ALA B 71 25.13 -13.45 17.68
CA ALA B 71 24.84 -12.11 18.14
C ALA B 71 23.51 -11.59 17.58
N TYR B 72 23.21 -11.82 16.30
CA TYR B 72 21.91 -11.37 15.76
C TYR B 72 20.70 -11.93 16.49
N TYR B 73 20.77 -13.21 16.86
CA TYR B 73 19.67 -13.92 17.53
C TYR B 73 19.48 -13.50 18.99
N ARG B 74 20.49 -12.87 19.57
CA ARG B 74 20.38 -12.36 20.92
C ARG B 74 19.30 -11.28 21.03
N GLY B 75 18.22 -11.60 21.76
CA GLY B 75 17.10 -10.67 21.87
C GLY B 75 16.16 -10.55 20.67
N ALA B 76 16.36 -11.37 19.64
CA ALA B 76 15.50 -11.30 18.45
C ALA B 76 14.13 -11.92 18.74
N MET B 77 13.08 -11.16 18.51
CA MET B 77 11.76 -11.67 18.78
C MET B 77 10.94 -12.01 17.56
N GLY B 78 11.37 -11.51 16.41
CA GLY B 78 10.82 -11.93 15.12
C GLY B 78 11.93 -12.21 14.11
N ILE B 79 11.66 -13.14 13.21
CA ILE B 79 12.54 -13.42 12.06
C ILE B 79 11.72 -13.54 10.78
N ILE B 80 12.11 -12.74 9.80
CA ILE B 80 11.47 -12.77 8.50
C ILE B 80 12.42 -13.54 7.61
N LEU B 81 11.92 -14.69 7.09
CA LEU B 81 12.60 -15.54 6.15
C LEU B 81 12.17 -15.11 4.76
N VAL B 82 13.14 -14.74 3.91
CA VAL B 82 12.83 -14.14 2.62
C VAL B 82 13.35 -15.02 1.50
N TYR B 83 12.50 -15.30 0.53
CA TYR B 83 12.97 -15.89 -0.72
C TYR B 83 12.55 -15.04 -1.91
N ASP B 84 13.09 -15.39 -3.07
CA ASP B 84 12.82 -14.72 -4.30
C ASP B 84 11.91 -15.65 -5.16
N VAL B 85 10.71 -15.17 -5.50
CA VAL B 85 9.72 -15.98 -6.23
C VAL B 85 10.19 -16.37 -7.61
N THR B 86 11.20 -15.67 -8.12
CA THR B 86 11.81 -15.94 -9.43
C THR B 86 12.97 -16.95 -9.33
N ASP B 87 13.42 -17.21 -8.10
CA ASP B 87 14.53 -18.14 -7.88
C ASP B 87 14.12 -19.35 -7.00
N GLU B 88 13.71 -20.43 -7.65
CA GLU B 88 13.38 -21.67 -6.93
C GLU B 88 14.43 -22.14 -5.88
N ARG B 89 15.71 -21.95 -6.16
CA ARG B 89 16.77 -22.34 -5.20
C ARG B 89 16.67 -21.54 -3.88
N THR B 90 16.37 -20.23 -3.99
CA THR B 90 16.16 -19.42 -2.80
C THR B 90 14.98 -19.94 -1.97
N PHE B 91 13.97 -20.48 -2.67
CA PHE B 91 12.80 -21.12 -2.05
C PHE B 91 13.06 -22.50 -1.44
N THR B 92 13.81 -23.36 -2.13
CA THR B 92 14.07 -24.66 -1.55
C THR B 92 15.00 -24.51 -0.34
N ASN B 93 15.91 -23.52 -0.41
CA ASN B 93 16.78 -23.17 0.71
C ASN B 93 16.03 -22.76 1.97
N ILE B 94 14.76 -22.37 1.85
CA ILE B 94 14.00 -21.93 3.03
C ILE B 94 13.94 -22.99 4.13
N LYS B 95 13.73 -24.25 3.76
CA LYS B 95 13.74 -25.34 4.73
C LYS B 95 14.99 -25.30 5.60
N GLN B 96 16.16 -25.15 4.99
CA GLN B 96 17.44 -25.08 5.74
C GLN B 96 17.55 -23.80 6.61
N TRP B 97 16.99 -22.70 6.12
CA TRP B 97 16.95 -21.48 6.90
C TRP B 97 16.12 -21.68 8.11
N PHE B 98 14.92 -22.21 7.92
CA PHE B 98 14.03 -22.52 9.04
C PHE B 98 14.71 -23.32 10.13
N LYS B 99 15.42 -24.37 9.72
CA LYS B 99 16.17 -25.18 10.67
C LYS B 99 17.24 -24.33 11.39
N THR B 100 17.97 -23.50 10.64
CA THR B 100 18.96 -22.60 11.26
C THR B 100 18.29 -21.68 12.30
N VAL B 101 17.23 -20.99 11.89
CA VAL B 101 16.57 -20.05 12.78
C VAL B 101 15.99 -20.77 14.02
N ASN B 102 15.19 -21.79 13.76
CA ASN B 102 14.61 -22.59 14.82
C ASN B 102 15.63 -23.06 15.85
N GLU B 103 16.82 -23.40 15.37
CA GLU B 103 17.84 -23.92 16.25
C GLU B 103 18.70 -22.87 16.96
N HIS B 104 18.66 -21.61 16.51
CA HIS B 104 19.52 -20.58 17.14
C HIS B 104 18.74 -19.45 17.78
N ALA B 105 17.46 -19.40 17.48
CA ALA B 105 16.61 -18.34 17.97
C ALA B 105 15.94 -18.78 19.27
N ASN B 106 15.76 -17.82 20.17
CA ASN B 106 15.08 -18.07 21.41
C ASN B 106 13.71 -18.69 21.13
N ASP B 107 13.24 -19.55 22.04
CA ASP B 107 12.02 -20.33 21.84
C ASP B 107 10.78 -19.49 21.61
N GLU B 108 10.86 -18.22 22.00
CA GLU B 108 9.76 -17.29 21.89
C GLU B 108 9.66 -16.63 20.50
N ALA B 109 10.76 -16.61 19.75
CA ALA B 109 10.80 -15.83 18.48
C ALA B 109 9.65 -16.19 17.57
N GLN B 110 9.04 -15.22 16.91
CA GLN B 110 8.05 -15.48 15.87
C GLN B 110 8.69 -15.43 14.50
N LEU B 111 8.31 -16.38 13.63
CA LEU B 111 8.81 -16.43 12.28
C LEU B 111 7.69 -16.08 11.30
N LEU B 112 8.08 -15.49 10.18
CA LEU B 112 7.17 -15.16 9.10
C LEU B 112 7.89 -15.41 7.77
N LEU B 113 7.18 -15.96 6.79
CA LEU B 113 7.77 -16.25 5.48
C LEU B 113 7.31 -15.28 4.44
N VAL B 114 8.24 -14.83 3.61
CA VAL B 114 7.97 -13.80 2.61
C VAL B 114 8.52 -14.24 1.25
N GLY B 115 7.65 -14.27 0.24
CA GLY B 115 8.07 -14.42 -1.15
C GLY B 115 8.20 -13.05 -1.79
N ASN B 116 9.42 -12.63 -2.05
CA ASN B 116 9.63 -11.29 -2.61
C ASN B 116 9.74 -11.29 -4.15
N LYS B 117 9.66 -10.09 -4.75
CA LYS B 117 9.68 -9.91 -6.22
C LYS B 117 8.40 -10.36 -6.94
N SER B 118 7.28 -10.24 -6.23
CA SER B 118 5.98 -10.71 -6.73
C SER B 118 5.55 -10.01 -8.01
N ASP B 119 6.21 -8.91 -8.34
CA ASP B 119 5.88 -8.11 -9.52
C ASP B 119 6.32 -8.75 -10.84
N MET B 120 7.21 -9.74 -10.79
CA MET B 120 7.83 -10.30 -11.99
C MET B 120 6.97 -11.33 -12.75
N GLU B 121 6.95 -11.17 -14.08
CA GLU B 121 6.51 -12.22 -15.02
C GLU B 121 7.52 -13.37 -15.13
N THR B 122 8.73 -13.17 -14.59
CA THR B 122 9.74 -14.24 -14.51
C THR B 122 9.60 -15.14 -13.28
N ARG B 123 8.40 -15.16 -12.69
CA ARG B 123 8.11 -15.97 -11.50
C ARG B 123 8.10 -17.47 -11.79
N VAL B 124 8.60 -18.28 -10.83
CA VAL B 124 8.66 -19.76 -10.96
C VAL B 124 8.08 -20.47 -9.73
N VAL B 125 7.93 -19.73 -8.63
CA VAL B 125 7.27 -20.18 -7.42
C VAL B 125 5.91 -19.45 -7.32
N THR B 126 4.85 -20.22 -7.09
CA THR B 126 3.49 -19.66 -7.01
C THR B 126 3.17 -19.25 -5.58
N ALA B 127 2.22 -18.33 -5.43
CA ALA B 127 1.76 -17.90 -4.12
C ALA B 127 1.26 -19.09 -3.25
N ASP B 128 0.49 -20.00 -3.87
CA ASP B 128 0.06 -21.23 -3.18
C ASP B 128 1.22 -22.13 -2.72
N GLN B 129 2.29 -22.22 -3.51
CA GLN B 129 3.42 -23.07 -3.10
C GLN B 129 3.98 -22.49 -1.82
N GLY B 130 4.08 -21.17 -1.80
CA GLY B 130 4.56 -20.42 -0.63
C GLY B 130 3.71 -20.66 0.61
N GLU B 131 2.39 -20.48 0.47
CA GLU B 131 1.42 -20.81 1.54
C GLU B 131 1.59 -22.23 2.05
N ALA B 132 1.84 -23.16 1.12
CA ALA B 132 1.99 -24.57 1.45
C ALA B 132 3.24 -24.80 2.32
N LEU B 133 4.37 -24.23 1.91
CA LEU B 133 5.58 -24.36 2.72
C LEU B 133 5.37 -23.71 4.10
N ALA B 134 4.81 -22.50 4.09
CA ALA B 134 4.51 -21.74 5.32
C ALA B 134 3.59 -22.55 6.24
N LYS B 135 2.56 -23.13 5.65
CA LYS B 135 1.60 -23.96 6.38
C LYS B 135 2.30 -25.20 6.96
N GLU B 136 3.09 -25.87 6.11
CA GLU B 136 4.00 -26.96 6.49
C GLU B 136 4.92 -26.58 7.67
N LEU B 137 5.51 -25.38 7.64
CA LEU B 137 6.45 -24.93 8.67
C LEU B 137 5.76 -24.31 9.88
N GLY B 138 4.45 -24.05 9.76
CA GLY B 138 3.65 -23.60 10.88
C GLY B 138 3.73 -22.10 11.14
N ILE B 139 3.98 -21.32 10.11
CA ILE B 139 4.25 -19.89 10.28
C ILE B 139 3.46 -19.19 9.20
N PRO B 140 3.18 -17.88 9.38
CA PRO B 140 2.45 -17.07 8.41
C PRO B 140 3.19 -16.76 7.10
N PHE B 141 2.46 -16.33 6.09
CA PHE B 141 2.99 -16.14 4.74
C PHE B 141 2.46 -14.85 4.13
N ILE B 142 3.33 -14.19 3.36
CA ILE B 142 3.04 -12.95 2.66
C ILE B 142 3.94 -12.93 1.43
N GLU B 143 3.39 -12.55 0.29
CA GLU B 143 4.19 -12.27 -0.90
C GLU B 143 4.31 -10.79 -1.01
N SER B 144 5.45 -10.31 -1.49
CA SER B 144 5.80 -8.89 -1.50
C SER B 144 6.54 -8.39 -2.75
N SER B 145 6.51 -7.08 -2.98
CA SER B 145 7.35 -6.46 -3.99
C SER B 145 7.84 -5.15 -3.40
N ALA B 146 9.14 -5.12 -3.11
CA ALA B 146 9.87 -3.93 -2.66
C ALA B 146 9.88 -2.89 -3.80
N LYS B 147 10.05 -3.41 -5.00
CA LYS B 147 10.12 -2.56 -6.20
C LYS B 147 8.83 -1.79 -6.40
N ASN B 148 7.71 -2.51 -6.47
CA ASN B 148 6.43 -1.87 -6.73
C ASN B 148 5.62 -1.43 -5.51
N ASP B 149 6.20 -1.57 -4.31
CA ASP B 149 5.56 -1.15 -3.04
C ASP B 149 4.25 -1.93 -2.75
N ASP B 150 4.37 -3.26 -2.73
CA ASP B 150 3.20 -4.07 -2.53
C ASP B 150 3.42 -4.99 -1.35
N ASN B 151 2.49 -4.90 -0.38
CA ASN B 151 2.47 -5.68 0.86
C ASN B 151 3.73 -5.59 1.67
N VAL B 152 4.55 -4.56 1.49
CA VAL B 152 5.78 -4.50 2.28
C VAL B 152 5.42 -4.08 3.70
N ASN B 153 4.63 -3.01 3.83
CA ASN B 153 4.18 -2.60 5.19
C ASN B 153 3.52 -3.74 5.95
N GLU B 154 2.74 -4.54 5.24
CA GLU B 154 2.01 -5.63 5.86
C GLU B 154 2.93 -6.66 6.53
N ILE B 155 4.06 -6.96 5.90
CA ILE B 155 5.06 -7.87 6.45
C ILE B 155 5.33 -7.47 7.89
N PHE B 156 5.65 -6.20 8.07
CA PHE B 156 6.17 -5.76 9.37
C PHE B 156 5.07 -5.53 10.40
N PHE B 157 3.91 -5.03 9.97
CA PHE B 157 2.76 -4.95 10.89
C PHE B 157 2.31 -6.32 11.34
N THR B 158 2.28 -7.29 10.43
CA THR B 158 1.88 -8.65 10.75
C THR B 158 2.79 -9.27 11.81
N LEU B 159 4.10 -9.29 11.53
CA LEU B 159 5.06 -9.79 12.48
C LEU B 159 4.99 -9.09 13.84
N ALA B 160 4.95 -7.75 13.83
CA ALA B 160 4.79 -6.96 15.07
C ALA B 160 3.53 -7.36 15.84
N LYS B 161 2.41 -7.53 15.13
CA LYS B 161 1.17 -7.99 15.77
C LYS B 161 1.34 -9.31 16.52
N LEU B 162 2.01 -10.27 15.88
CA LEU B 162 2.12 -11.60 16.46
C LEU B 162 3.09 -11.65 17.59
N ILE B 163 4.14 -10.84 17.53
CA ILE B 163 5.09 -10.74 18.66
C ILE B 163 4.37 -10.17 19.87
N GLN B 164 3.66 -9.06 19.67
CA GLN B 164 2.87 -8.45 20.73
C GLN B 164 1.87 -9.42 21.36
N GLU B 165 1.20 -10.21 20.52
CA GLU B 165 0.26 -11.21 21.04
C GLU B 165 0.95 -12.33 21.81
N LYS B 166 2.20 -12.64 21.46
CA LYS B 166 3.03 -13.55 22.24
C LYS B 166 3.40 -12.98 23.59
N ILE B 167 3.73 -11.68 23.65
CA ILE B 167 3.89 -10.98 24.94
C ILE B 167 2.47 -10.94 25.49
N ASP B 168 2.05 -11.95 26.24
CA ASP B 168 0.61 -12.18 26.19
C ASP B 168 -0.10 -12.48 27.47
PB GDP C . -7.08 12.75 -16.19
O1B GDP C . -7.79 11.77 -15.30
O2B GDP C . -5.84 12.09 -16.80
O3B GDP C . -6.93 14.07 -15.51
O3A GDP C . -8.14 12.92 -17.38
PA GDP C . -8.59 14.32 -18.09
O1A GDP C . -9.45 15.17 -17.17
O2A GDP C . -7.32 14.85 -18.73
O5' GDP C . -9.53 13.78 -19.24
C5' GDP C . -8.95 12.79 -20.09
C4' GDP C . -9.62 12.84 -21.46
O4' GDP C . -10.96 12.33 -21.38
C3' GDP C . -9.73 14.22 -22.02
O3' GDP C . -9.62 14.02 -23.43
C2' GDP C . -11.14 14.61 -21.72
O2' GDP C . -11.69 15.43 -22.73
C1' GDP C . -11.90 13.30 -21.81
N9 GDP C . -13.03 13.29 -20.88
C8 GDP C . -12.93 13.66 -19.56
N7 GDP C . -14.12 13.56 -18.94
C5 GDP C . -15.01 13.10 -19.85
C6 GDP C . -16.45 12.77 -19.84
O6 GDP C . -17.15 12.89 -18.82
N1 GDP C . -16.99 12.32 -20.97
C2 GDP C . -16.33 12.17 -22.13
N2 GDP C . -17.03 11.72 -23.19
N3 GDP C . -14.99 12.48 -22.23
C4 GDP C . -14.30 12.93 -21.14
MG MG D . -5.23 15.15 -15.23
ZN ZN E . -23.15 22.67 -14.10
PB GDP F . 19.53 -8.92 -0.52
O1B GDP F . 18.63 -9.96 0.11
O2B GDP F . 19.81 -7.76 0.42
O3B GDP F . 20.81 -9.59 -1.05
O3A GDP F . 18.85 -8.39 -1.85
PA GDP F . 18.66 -6.84 -2.32
O1A GDP F . 20.01 -6.26 -2.52
O2A GDP F . 17.58 -6.13 -1.50
O5' GDP F . 17.99 -7.16 -3.73
C5' GDP F . 18.86 -7.60 -4.77
C4' GDP F . 18.42 -6.99 -6.09
O4' GDP F . 17.17 -7.57 -6.44
C3' GDP F . 18.27 -5.47 -6.07
O3' GDP F . 19.40 -4.78 -6.64
C2' GDP F . 17.04 -5.24 -6.92
O2' GDP F . 17.40 -4.92 -8.28
C1' GDP F . 16.31 -6.57 -6.94
N9 GDP F . 15.04 -6.52 -6.18
C8 GDP F . 14.89 -6.40 -4.85
N7 GDP F . 13.57 -6.39 -4.54
C5 GDP F . 12.88 -6.51 -5.68
C6 GDP F . 11.44 -6.57 -6.06
O6 GDP F . 10.56 -6.51 -5.20
N1 GDP F . 11.13 -6.69 -7.36
C2 GDP F . 12.07 -6.75 -8.33
N2 GDP F . 11.66 -6.89 -9.63
N3 GDP F . 13.41 -6.70 -8.06
C4 GDP F . 13.85 -6.60 -6.76
MG MG G . 21.37 -6.88 1.18
ZN ZN H . 4.94 3.49 -0.07
ZN ZN I . -3.23 -9.34 23.11
#